data_9F8Q
#
_entry.id   9F8Q
#
_cell.length_a   53.968
_cell.length_b   68.802
_cell.length_c   54.059
_cell.angle_alpha   90.00
_cell.angle_beta   101.03
_cell.angle_gamma   90.00
#
_symmetry.space_group_name_H-M   'P 1 21 1'
#
loop_
_entity.id
_entity.type
_entity.pdbx_description
1 polymer 'Phenazine biosynthesis protein A/B'
2 non-polymer GLYCEROL
3 non-polymer (2-hydroxyphenyl)-[2-(4-hydroxyphenyl)-6-oxidanyl-1-benzothiophen-3-yl]methanone
4 water water
#
_entity_poly.entity_id   1
_entity_poly.type   'polypeptide(L)'
_entity_poly.pdbx_seq_one_letter_code
;MGSSHHHHHHSSGLVPRGSHMSDVESLENTSENRAQVAARQHNRKIVEQYMHTRGEARLKRHLLFTEDGVGGLWTTDSGQ
PIAIRGREKLGEHAVWSLQCFPDWVWTDIQIFETQDPNWFWVECRGEGAIVFPGYPRGQYRNHFLHSFRFENGLIKEQRE
FMNPCEQFRSLGIEVPEVRRDGLPS
;
_entity_poly.pdbx_strand_id   A,B
#
loop_
_chem_comp.id
_chem_comp.type
_chem_comp.name
_chem_comp.formula
A1IAJ non-polymer (2-hydroxyphenyl)-[2-(4-hydroxyphenyl)-6-oxidanyl-1-benzothiophen-3-yl]methanone 'C21 H14 O4 S'
GOL non-polymer GLYCEROL 'C3 H8 O3'
#
# COMPACT_ATOMS: atom_id res chain seq x y z
N SER A 31 -21.44 -21.77 17.21
CA SER A 31 -20.01 -21.97 17.02
C SER A 31 -19.40 -20.80 16.26
N GLU A 32 -19.11 -19.71 16.99
CA GLU A 32 -18.55 -18.53 16.36
C GLU A 32 -17.21 -18.84 15.71
N ASN A 33 -16.33 -19.56 16.42
CA ASN A 33 -15.01 -19.85 15.87
C ASN A 33 -15.13 -20.72 14.61
N ARG A 34 -16.04 -21.70 14.62
CA ARG A 34 -16.22 -22.56 13.45
C ARG A 34 -16.69 -21.75 12.25
N ALA A 35 -17.60 -20.80 12.48
CA ALA A 35 -18.10 -19.96 11.41
C ALA A 35 -16.99 -19.05 10.88
N GLN A 36 -16.17 -18.50 11.77
CA GLN A 36 -15.09 -17.62 11.31
C GLN A 36 -14.04 -18.41 10.53
N VAL A 37 -13.69 -19.60 11.03
CA VAL A 37 -12.70 -20.42 10.32
C VAL A 37 -13.19 -20.77 8.92
N ALA A 38 -14.47 -21.17 8.80
CA ALA A 38 -15.01 -21.55 7.49
C ALA A 38 -15.00 -20.37 6.55
N ALA A 39 -15.38 -19.20 7.04
CA ALA A 39 -15.39 -18.02 6.19
C ALA A 39 -13.98 -17.68 5.72
N ARG A 40 -13.01 -17.72 6.63
CA ARG A 40 -11.65 -17.37 6.23
C ARG A 40 -11.11 -18.33 5.19
N GLN A 41 -11.39 -19.63 5.33
N GLN A 41 -11.37 -19.63 5.36
CA GLN A 41 -10.86 -20.61 4.38
CA GLN A 41 -10.89 -20.62 4.40
C GLN A 41 -11.48 -20.45 3.01
C GLN A 41 -11.47 -20.40 3.02
N HIS A 42 -12.79 -20.17 2.95
CA HIS A 42 -13.42 -19.93 1.66
C HIS A 42 -12.92 -18.64 1.04
N ASN A 43 -12.91 -17.56 1.83
CA ASN A 43 -12.49 -16.27 1.30
C ASN A 43 -11.06 -16.31 0.77
N ARG A 44 -10.17 -17.03 1.45
CA ARG A 44 -8.81 -17.18 0.95
C ARG A 44 -8.79 -17.76 -0.47
N LYS A 45 -9.64 -18.75 -0.73
CA LYS A 45 -9.71 -19.34 -2.07
C LYS A 45 -10.12 -18.30 -3.10
N ILE A 46 -11.05 -17.40 -2.74
CA ILE A 46 -11.48 -16.35 -3.66
C ILE A 46 -10.33 -15.36 -3.92
N VAL A 47 -9.58 -14.99 -2.87
CA VAL A 47 -8.43 -14.09 -3.09
C VAL A 47 -7.43 -14.73 -4.03
N GLU A 48 -7.10 -16.01 -3.78
N GLU A 48 -7.13 -16.02 -3.81
CA GLU A 48 -6.21 -16.74 -4.68
CA GLU A 48 -6.20 -16.73 -4.68
C GLU A 48 -6.72 -16.69 -6.11
C GLU A 48 -6.70 -16.77 -6.12
N GLN A 49 -8.00 -17.01 -6.30
CA GLN A 49 -8.55 -17.02 -7.64
C GLN A 49 -8.42 -15.65 -8.29
N TYR A 50 -8.78 -14.60 -7.55
CA TYR A 50 -8.66 -13.26 -8.09
C TYR A 50 -7.25 -12.97 -8.55
N MET A 51 -6.27 -13.20 -7.67
CA MET A 51 -4.89 -12.85 -7.98
C MET A 51 -4.31 -13.66 -9.13
N HIS A 52 -4.88 -14.84 -9.41
N HIS A 52 -4.87 -14.84 -9.41
CA HIS A 52 -4.41 -15.69 -10.50
CA HIS A 52 -4.40 -15.68 -10.50
C HIS A 52 -5.24 -15.55 -11.76
C HIS A 52 -5.33 -15.63 -11.71
N THR A 53 -6.20 -14.63 -11.79
CA THR A 53 -7.05 -14.45 -12.97
C THR A 53 -6.28 -13.69 -14.04
N ARG A 54 -6.14 -14.31 -15.21
CA ARG A 54 -5.33 -13.78 -16.30
C ARG A 54 -6.04 -14.05 -17.62
N GLY A 55 -5.61 -13.30 -18.65
CA GLY A 55 -6.12 -13.55 -20.00
C GLY A 55 -7.62 -13.34 -20.08
N GLU A 56 -8.27 -14.16 -20.92
CA GLU A 56 -9.70 -14.00 -21.15
C GLU A 56 -10.53 -14.22 -19.89
N ALA A 57 -9.99 -14.97 -18.91
CA ALA A 57 -10.71 -15.15 -17.64
C ALA A 57 -10.95 -13.83 -16.92
N ARG A 58 -10.17 -12.80 -17.23
CA ARG A 58 -10.41 -11.49 -16.64
C ARG A 58 -11.80 -10.97 -16.96
N LEU A 59 -12.39 -11.42 -18.07
CA LEU A 59 -13.73 -11.00 -18.44
C LEU A 59 -14.79 -11.50 -17.47
N LYS A 60 -14.47 -12.46 -16.59
CA LYS A 60 -15.42 -13.00 -15.63
C LYS A 60 -15.01 -12.74 -14.18
N ARG A 61 -13.96 -11.95 -13.98
CA ARG A 61 -13.49 -11.69 -12.63
C ARG A 61 -14.53 -10.96 -11.79
N HIS A 62 -15.40 -10.18 -12.43
CA HIS A 62 -16.44 -9.47 -11.69
C HIS A 62 -17.41 -10.42 -11.00
N LEU A 63 -17.46 -11.69 -11.42
CA LEU A 63 -18.32 -12.66 -10.76
C LEU A 63 -17.80 -13.06 -9.37
N LEU A 64 -16.60 -12.63 -9.01
CA LEU A 64 -16.08 -12.82 -7.66
C LEU A 64 -16.57 -11.75 -6.68
N PHE A 65 -17.36 -10.78 -7.15
CA PHE A 65 -17.89 -9.69 -6.33
C PHE A 65 -19.38 -9.87 -6.03
N THR A 66 -19.80 -9.25 -4.94
CA THR A 66 -21.23 -9.04 -4.68
C THR A 66 -21.81 -8.13 -5.76
N GLU A 67 -23.15 -8.12 -5.89
CA GLU A 67 -23.77 -7.31 -6.94
C GLU A 67 -23.42 -5.85 -6.79
N ASP A 68 -23.30 -5.37 -5.55
CA ASP A 68 -22.96 -3.99 -5.26
C ASP A 68 -21.48 -3.82 -4.90
N GLY A 69 -20.66 -4.80 -5.26
CA GLY A 69 -19.25 -4.74 -4.91
C GLY A 69 -18.55 -3.60 -5.62
N VAL A 70 -17.47 -3.14 -5.00
CA VAL A 70 -16.67 -2.04 -5.49
C VAL A 70 -15.23 -2.54 -5.64
N GLY A 71 -14.59 -2.10 -6.74
CA GLY A 71 -13.18 -2.33 -6.95
C GLY A 71 -12.53 -1.05 -7.40
N GLY A 72 -11.22 -1.06 -7.53
CA GLY A 72 -10.55 0.04 -8.18
C GLY A 72 -9.21 0.41 -7.56
N LEU A 73 -8.74 1.57 -7.99
CA LEU A 73 -7.38 2.04 -7.74
C LEU A 73 -7.42 3.19 -6.73
N TRP A 74 -6.79 2.99 -5.57
CA TRP A 74 -6.88 3.97 -4.51
C TRP A 74 -5.78 5.03 -4.55
N THR A 75 -4.76 4.84 -5.37
CA THR A 75 -3.60 5.73 -5.46
C THR A 75 -3.51 6.25 -6.89
N THR A 76 -3.85 7.52 -7.08
CA THR A 76 -3.85 8.13 -8.40
C THR A 76 -3.24 9.53 -8.32
N ASP A 77 -3.03 10.13 -9.50
CA ASP A 77 -2.45 11.47 -9.52
C ASP A 77 -3.31 12.50 -8.82
N SER A 78 -4.64 12.31 -8.79
CA SER A 78 -5.51 13.31 -8.20
C SER A 78 -5.55 13.25 -6.69
N GLY A 79 -5.13 12.13 -6.10
CA GLY A 79 -5.30 11.91 -4.67
C GLY A 79 -6.63 11.34 -4.29
N GLN A 80 -7.56 11.15 -5.25
CA GLN A 80 -8.83 10.48 -4.96
C GLN A 80 -8.86 9.11 -5.61
N PRO A 81 -9.51 8.13 -4.98
CA PRO A 81 -9.62 6.81 -5.62
C PRO A 81 -10.43 6.87 -6.89
N ILE A 82 -10.15 5.95 -7.79
CA ILE A 82 -10.99 5.69 -8.95
C ILE A 82 -11.69 4.38 -8.65
N ALA A 83 -12.93 4.50 -8.20
CA ALA A 83 -13.72 3.38 -7.74
C ALA A 83 -14.68 2.96 -8.86
N ILE A 84 -14.79 1.66 -9.04
N ILE A 84 -14.74 1.66 -9.08
CA ILE A 84 -15.63 1.05 -10.04
CA ILE A 84 -15.64 1.05 -10.05
C ILE A 84 -16.76 0.38 -9.27
C ILE A 84 -16.77 0.41 -9.25
N ARG A 85 -17.99 0.89 -9.41
CA ARG A 85 -19.07 0.58 -8.47
C ARG A 85 -20.10 -0.35 -9.09
N GLY A 86 -20.17 -1.56 -8.55
CA GLY A 86 -21.16 -2.52 -8.95
C GLY A 86 -20.61 -3.58 -9.86
N ARG A 87 -21.11 -4.80 -9.68
N ARG A 87 -21.11 -4.79 -9.68
CA ARG A 87 -20.63 -5.93 -10.47
CA ARG A 87 -20.62 -5.92 -10.45
C ARG A 87 -20.74 -5.64 -11.96
C ARG A 87 -20.73 -5.64 -11.95
N GLU A 88 -21.80 -4.95 -12.40
CA GLU A 88 -21.97 -4.68 -13.82
C GLU A 88 -20.87 -3.74 -14.37
N LYS A 89 -20.60 -2.64 -13.65
CA LYS A 89 -19.52 -1.74 -14.05
C LYS A 89 -18.15 -2.42 -13.97
N LEU A 90 -17.95 -3.32 -13.00
CA LEU A 90 -16.71 -4.07 -12.94
C LEU A 90 -16.54 -4.96 -14.17
N GLY A 91 -17.63 -5.59 -14.65
CA GLY A 91 -17.52 -6.37 -15.88
C GLY A 91 -17.20 -5.51 -17.09
N GLU A 92 -17.75 -4.30 -17.15
CA GLU A 92 -17.42 -3.38 -18.23
C GLU A 92 -15.96 -2.94 -18.16
N HIS A 93 -15.47 -2.67 -16.95
CA HIS A 93 -14.07 -2.28 -16.79
C HIS A 93 -13.14 -3.38 -17.27
N ALA A 94 -13.51 -4.65 -17.05
CA ALA A 94 -12.65 -5.74 -17.50
C ALA A 94 -12.41 -5.69 -19.01
N VAL A 95 -13.42 -5.31 -19.79
CA VAL A 95 -13.25 -5.21 -21.23
C VAL A 95 -12.18 -4.19 -21.56
N TRP A 96 -12.25 -3.02 -20.91
CA TRP A 96 -11.24 -1.98 -21.09
C TRP A 96 -9.87 -2.46 -20.64
N SER A 97 -9.84 -3.14 -19.50
CA SER A 97 -8.58 -3.60 -18.91
C SER A 97 -7.87 -4.56 -19.84
N LEU A 98 -8.60 -5.48 -20.47
N LEU A 98 -8.61 -5.46 -20.48
CA LEU A 98 -7.93 -6.40 -21.40
CA LEU A 98 -8.02 -6.42 -21.40
C LEU A 98 -7.36 -5.68 -22.61
C LEU A 98 -7.49 -5.76 -22.68
N GLN A 99 -7.94 -4.56 -23.02
CA GLN A 99 -7.39 -3.81 -24.14
C GLN A 99 -6.16 -3.00 -23.73
N CYS A 100 -6.20 -2.35 -22.58
N CYS A 100 -6.24 -2.31 -22.59
CA CYS A 100 -5.14 -1.43 -22.21
CA CYS A 100 -5.16 -1.42 -22.16
C CYS A 100 -4.03 -2.08 -21.40
C CYS A 100 -3.99 -2.19 -21.56
N PHE A 101 -4.28 -3.26 -20.82
CA PHE A 101 -3.26 -4.05 -20.13
C PHE A 101 -3.39 -5.49 -20.66
N PRO A 102 -3.01 -5.73 -21.91
CA PRO A 102 -3.44 -6.97 -22.58
C PRO A 102 -2.81 -8.24 -22.06
N ASP A 103 -1.67 -8.18 -21.37
CA ASP A 103 -0.97 -9.37 -20.91
C ASP A 103 -0.67 -9.29 -19.41
N TRP A 104 -1.45 -8.51 -18.67
CA TRP A 104 -1.14 -8.22 -17.27
C TRP A 104 -1.07 -9.47 -16.40
N VAL A 105 -0.06 -9.54 -15.54
CA VAL A 105 0.06 -10.59 -14.53
C VAL A 105 0.43 -9.97 -13.20
N TRP A 106 -0.11 -10.57 -12.13
CA TRP A 106 0.35 -10.37 -10.77
C TRP A 106 1.37 -11.46 -10.44
N THR A 107 2.47 -11.05 -9.80
CA THR A 107 3.59 -11.93 -9.49
C THR A 107 4.01 -11.72 -8.04
N ASP A 108 4.83 -12.62 -7.52
CA ASP A 108 5.36 -12.49 -6.16
C ASP A 108 4.22 -12.35 -5.14
N ILE A 109 3.17 -13.15 -5.32
CA ILE A 109 1.92 -12.97 -4.58
C ILE A 109 2.10 -13.51 -3.16
N GLN A 110 1.83 -12.67 -2.17
CA GLN A 110 1.83 -13.06 -0.76
C GLN A 110 0.49 -12.66 -0.16
N ILE A 111 -0.30 -13.66 0.24
CA ILE A 111 -1.62 -13.43 0.79
C ILE A 111 -1.54 -13.41 2.31
N PHE A 112 -2.16 -12.40 2.92
CA PHE A 112 -2.22 -12.25 4.37
C PHE A 112 -3.66 -12.37 4.84
N GLU A 113 -3.95 -13.42 5.59
N GLU A 113 -3.96 -13.41 5.60
CA GLU A 113 -5.16 -13.48 6.38
CA GLU A 113 -5.22 -13.45 6.33
C GLU A 113 -5.02 -12.48 7.52
C GLU A 113 -5.05 -12.66 7.62
N THR A 114 -6.15 -12.13 8.13
CA THR A 114 -6.13 -11.23 9.28
C THR A 114 -7.04 -11.78 10.38
N GLN A 115 -7.09 -11.06 11.51
CA GLN A 115 -8.01 -11.44 12.57
C GLN A 115 -9.47 -11.34 12.15
N ASP A 116 -9.76 -10.56 11.11
CA ASP A 116 -11.08 -10.47 10.54
C ASP A 116 -11.19 -11.51 9.43
N PRO A 117 -12.01 -12.55 9.57
CA PRO A 117 -12.07 -13.58 8.52
C PRO A 117 -12.52 -13.05 7.18
N ASN A 118 -13.13 -11.87 7.16
CA ASN A 118 -13.61 -11.22 5.95
C ASN A 118 -12.70 -10.11 5.43
N TRP A 119 -11.46 -10.03 5.89
CA TRP A 119 -10.53 -9.00 5.41
C TRP A 119 -9.17 -9.63 5.18
N PHE A 120 -8.66 -9.49 3.96
CA PHE A 120 -7.36 -9.98 3.54
C PHE A 120 -6.56 -8.83 2.93
N TRP A 121 -5.25 -8.95 3.03
CA TRP A 121 -4.31 -8.08 2.33
C TRP A 121 -3.41 -8.95 1.45
N VAL A 122 -2.99 -8.38 0.32
CA VAL A 122 -2.06 -9.07 -0.58
C VAL A 122 -0.95 -8.11 -0.94
N GLU A 123 0.28 -8.57 -0.79
CA GLU A 123 1.43 -7.86 -1.35
C GLU A 123 1.91 -8.59 -2.59
N CYS A 124 2.14 -7.85 -3.69
CA CYS A 124 2.59 -8.49 -4.91
C CYS A 124 3.25 -7.45 -5.80
N ARG A 125 3.73 -7.91 -6.94
CA ARG A 125 4.11 -7.04 -8.03
C ARG A 125 3.15 -7.29 -9.19
N GLY A 126 3.13 -6.36 -10.14
CA GLY A 126 2.38 -6.56 -11.35
C GLY A 126 3.16 -6.04 -12.53
N GLU A 127 2.91 -6.64 -13.70
CA GLU A 127 3.63 -6.19 -14.88
C GLU A 127 2.89 -6.55 -16.15
N GLY A 128 3.14 -5.75 -17.18
CA GLY A 128 2.59 -6.01 -18.48
C GLY A 128 2.76 -4.81 -19.38
N ALA A 129 2.42 -5.01 -20.65
CA ALA A 129 2.32 -3.90 -21.58
C ALA A 129 1.24 -2.93 -21.11
N ILE A 130 1.45 -1.64 -21.36
CA ILE A 130 0.44 -0.62 -21.10
C ILE A 130 0.13 0.08 -22.42
N VAL A 131 -1.15 0.05 -22.82
CA VAL A 131 -1.64 0.58 -24.10
C VAL A 131 -2.74 1.59 -23.77
N PHE A 132 -2.34 2.72 -23.24
N PHE A 132 -2.34 2.74 -23.21
CA PHE A 132 -3.32 3.70 -22.81
CA PHE A 132 -3.25 3.78 -22.75
C PHE A 132 -3.65 4.63 -23.97
C PHE A 132 -3.63 4.68 -23.92
N PRO A 133 -4.89 5.10 -24.00
CA PRO A 133 -5.31 5.96 -25.12
C PRO A 133 -4.51 7.25 -25.19
N GLY A 134 -3.90 7.48 -26.35
CA GLY A 134 -3.18 8.72 -26.55
C GLY A 134 -1.77 8.78 -26.00
N TYR A 135 -1.25 7.66 -25.50
CA TYR A 135 0.12 7.59 -25.05
C TYR A 135 0.85 6.53 -25.86
N PRO A 136 2.17 6.60 -25.94
CA PRO A 136 2.90 5.53 -26.63
C PRO A 136 2.74 4.22 -25.86
N ARG A 137 2.70 3.12 -26.60
N ARG A 137 2.71 3.12 -26.60
CA ARG A 137 2.73 1.81 -25.97
CA ARG A 137 2.73 1.81 -25.98
C ARG A 137 3.97 1.71 -25.11
C ARG A 137 3.98 1.67 -25.13
N GLY A 138 3.81 1.13 -23.93
CA GLY A 138 4.91 0.99 -23.01
C GLY A 138 4.89 -0.29 -22.25
N GLN A 139 5.83 -0.40 -21.31
N GLN A 139 5.82 -0.41 -21.30
CA GLN A 139 5.90 -1.53 -20.40
CA GLN A 139 5.92 -1.53 -20.39
C GLN A 139 5.76 -0.97 -18.99
C GLN A 139 5.80 -0.99 -18.97
N TYR A 140 4.85 -1.54 -18.22
CA TYR A 140 4.54 -1.07 -16.87
C TYR A 140 4.86 -2.15 -15.86
N ARG A 141 5.60 -1.78 -14.81
N ARG A 141 5.61 -1.78 -14.83
CA ARG A 141 5.90 -2.67 -13.69
CA ARG A 141 5.90 -2.64 -13.69
C ARG A 141 5.73 -1.88 -12.41
C ARG A 141 5.62 -1.83 -12.43
N ASN A 142 5.05 -2.47 -11.42
CA ASN A 142 4.85 -1.77 -10.16
C ASN A 142 4.73 -2.76 -9.01
N HIS A 143 4.86 -2.24 -7.81
CA HIS A 143 4.61 -2.94 -6.57
C HIS A 143 3.22 -2.56 -6.09
N PHE A 144 2.45 -3.56 -5.65
CA PHE A 144 1.07 -3.34 -5.26
C PHE A 144 0.76 -3.93 -3.90
N LEU A 145 -0.15 -3.27 -3.20
N LEU A 145 -0.17 -3.28 -3.19
CA LEU A 145 -0.87 -3.85 -2.07
CA LEU A 145 -0.86 -3.83 -2.03
C LEU A 145 -2.33 -3.89 -2.48
C LEU A 145 -2.35 -3.82 -2.32
N HIS A 146 -3.01 -4.97 -2.16
CA HIS A 146 -4.44 -5.09 -2.37
C HIS A 146 -5.14 -5.36 -1.05
N SER A 147 -6.30 -4.75 -0.87
CA SER A 147 -7.21 -5.00 0.24
C SER A 147 -8.45 -5.67 -0.30
N PHE A 148 -8.87 -6.78 0.33
CA PHE A 148 -10.09 -7.51 -0.04
C PHE A 148 -10.98 -7.64 1.19
N ARG A 149 -12.18 -7.07 1.13
CA ARG A 149 -13.20 -7.24 2.16
C ARG A 149 -14.36 -8.02 1.58
N PHE A 150 -14.85 -9.01 2.34
CA PHE A 150 -15.83 -9.98 1.88
C PHE A 150 -17.17 -9.81 2.57
N GLU A 151 -18.22 -10.23 1.86
CA GLU A 151 -19.57 -10.35 2.41
C GLU A 151 -20.22 -11.58 1.79
N ASN A 152 -20.66 -12.51 2.61
CA ASN A 152 -21.39 -13.69 2.14
C ASN A 152 -20.70 -14.39 0.98
N GLY A 153 -19.39 -14.59 1.12
CA GLY A 153 -18.64 -15.47 0.24
C GLY A 153 -18.05 -14.81 -0.99
N LEU A 154 -18.28 -13.52 -1.20
CA LEU A 154 -17.78 -12.81 -2.37
C LEU A 154 -17.18 -11.48 -1.94
N ILE A 155 -16.47 -10.84 -2.86
CA ILE A 155 -15.77 -9.58 -2.57
C ILE A 155 -16.76 -8.44 -2.57
N LYS A 156 -16.84 -7.73 -1.46
CA LYS A 156 -17.61 -6.50 -1.32
C LYS A 156 -16.78 -5.27 -1.68
N GLU A 157 -15.48 -5.27 -1.36
CA GLU A 157 -14.61 -4.15 -1.66
C GLU A 157 -13.20 -4.65 -1.94
N GLN A 158 -12.70 -4.33 -3.12
CA GLN A 158 -11.32 -4.54 -3.50
C GLN A 158 -10.69 -3.16 -3.72
N ARG A 159 -9.49 -2.95 -3.18
CA ARG A 159 -8.77 -1.71 -3.38
C ARG A 159 -7.34 -2.05 -3.71
N GLU A 160 -6.75 -1.36 -4.67
CA GLU A 160 -5.33 -1.52 -4.95
C GLU A 160 -4.55 -0.24 -4.73
N PHE A 161 -3.34 -0.40 -4.17
CA PHE A 161 -2.49 0.71 -3.78
C PHE A 161 -1.12 0.50 -4.41
N MET A 162 -0.65 1.52 -5.13
CA MET A 162 0.66 1.43 -5.77
C MET A 162 1.32 2.81 -5.73
N ASN A 163 2.50 2.91 -6.33
CA ASN A 163 3.19 4.18 -6.48
C ASN A 163 2.87 4.74 -7.87
N PRO A 164 2.05 5.78 -7.99
CA PRO A 164 1.69 6.25 -9.35
C PRO A 164 2.88 6.71 -10.17
N CYS A 165 4.00 7.08 -9.53
CA CYS A 165 5.18 7.51 -10.28
C CYS A 165 5.65 6.45 -11.29
N GLU A 166 5.45 5.18 -10.98
CA GLU A 166 5.89 4.14 -11.90
C GLU A 166 4.93 4.03 -13.08
N GLN A 167 3.66 4.32 -12.86
CA GLN A 167 2.75 4.35 -14.01
C GLN A 167 3.07 5.56 -14.88
N PHE A 168 3.36 6.71 -14.27
CA PHE A 168 3.79 7.86 -15.06
C PHE A 168 4.98 7.48 -15.96
N ARG A 169 5.99 6.85 -15.38
CA ARG A 169 7.17 6.48 -16.16
C ARG A 169 6.80 5.57 -17.33
N SER A 170 5.89 4.62 -17.11
CA SER A 170 5.50 3.70 -18.17
C SER A 170 4.83 4.42 -19.33
N LEU A 171 4.20 5.57 -19.06
CA LEU A 171 3.49 6.35 -20.05
C LEU A 171 4.36 7.46 -20.64
N GLY A 172 5.62 7.57 -20.24
CA GLY A 172 6.51 8.61 -20.70
C GLY A 172 6.26 9.97 -20.10
N ILE A 173 5.52 10.03 -19.00
CA ILE A 173 5.21 11.28 -18.31
C ILE A 173 6.35 11.59 -17.36
N GLU A 174 6.83 12.84 -17.36
CA GLU A 174 7.94 13.24 -16.50
C GLU A 174 7.51 13.19 -15.03
N VAL A 175 8.33 12.57 -14.20
CA VAL A 175 8.05 12.43 -12.77
C VAL A 175 8.76 13.57 -12.04
N PRO A 176 8.05 14.34 -11.24
CA PRO A 176 8.71 15.36 -10.41
C PRO A 176 9.71 14.73 -9.45
N GLU A 177 10.72 15.51 -9.07
CA GLU A 177 11.77 15.04 -8.17
C GLU A 177 11.85 15.98 -6.99
N VAL A 178 11.72 15.45 -5.78
CA VAL A 178 11.96 16.23 -4.60
C VAL A 178 13.46 16.52 -4.49
N ARG A 179 13.82 17.79 -4.30
CA ARG A 179 15.23 18.15 -4.22
C ARG A 179 15.79 17.62 -2.91
N ARG A 180 16.88 16.87 -2.98
N ARG A 180 16.88 16.85 -2.99
CA ARG A 180 17.41 16.21 -1.79
CA ARG A 180 17.43 16.19 -1.82
C ARG A 180 18.67 16.86 -1.26
C ARG A 180 18.69 16.85 -1.29
N ASP A 181 19.11 17.99 -1.84
CA ASP A 181 20.37 18.59 -1.42
C ASP A 181 20.42 18.81 0.09
N GLY A 182 19.32 19.26 0.67
CA GLY A 182 19.31 19.59 2.08
C GLY A 182 18.94 18.46 2.99
N LEU A 183 18.68 17.27 2.44
CA LEU A 183 18.26 16.12 3.24
C LEU A 183 19.45 15.25 3.58
N PRO A 184 19.52 14.67 4.78
CA PRO A 184 20.64 13.80 5.12
C PRO A 184 20.79 12.63 4.18
N SER A 185 22.03 12.32 3.84
CA SER A 185 22.35 11.17 3.01
C SER A 185 23.85 10.90 3.13
N GLU B 32 4.34 -25.46 19.48
CA GLU B 32 4.47 -24.51 18.37
C GLU B 32 3.39 -23.43 18.46
N ASN B 33 2.15 -23.85 18.73
CA ASN B 33 1.05 -22.89 18.76
C ASN B 33 1.20 -21.91 19.92
N ARG B 34 1.60 -22.40 21.10
CA ARG B 34 1.81 -21.52 22.25
C ARG B 34 2.88 -20.46 21.94
N ALA B 35 3.95 -20.86 21.26
CA ALA B 35 4.99 -19.93 20.89
C ALA B 35 4.48 -18.89 19.90
N GLN B 36 3.67 -19.31 18.92
CA GLN B 36 3.13 -18.37 17.95
C GLN B 36 2.17 -17.38 18.60
N VAL B 37 1.31 -17.86 19.50
CA VAL B 37 0.38 -16.96 20.18
C VAL B 37 1.12 -15.93 21.02
N ALA B 38 2.14 -16.37 21.78
CA ALA B 38 2.91 -15.45 22.61
C ALA B 38 3.60 -14.39 21.77
N ALA B 39 4.20 -14.81 20.65
CA ALA B 39 4.86 -13.86 19.76
C ALA B 39 3.87 -12.84 19.22
N ARG B 40 2.71 -13.30 18.74
CA ARG B 40 1.77 -12.37 18.14
C ARG B 40 1.27 -11.33 19.14
N GLN B 41 1.00 -11.77 20.38
CA GLN B 41 0.49 -10.84 21.39
C GLN B 41 1.52 -9.77 21.75
N HIS B 42 2.78 -10.18 21.93
CA HIS B 42 3.82 -9.21 22.23
C HIS B 42 4.06 -8.27 21.05
N ASN B 43 4.19 -8.83 19.85
CA ASN B 43 4.47 -8.02 18.68
C ASN B 43 3.37 -6.98 18.44
N ARG B 44 2.11 -7.36 18.66
N ARG B 44 2.11 -7.35 18.70
CA ARG B 44 1.02 -6.42 18.53
CA ARG B 44 1.03 -6.39 18.51
C ARG B 44 1.21 -5.20 19.43
C ARG B 44 1.19 -5.20 19.44
N LYS B 45 1.67 -5.42 20.66
CA LYS B 45 1.89 -4.30 21.58
C LYS B 45 2.95 -3.36 21.03
N ILE B 46 3.99 -3.91 20.38
CA ILE B 46 5.04 -3.09 19.80
C ILE B 46 4.49 -2.27 18.63
N VAL B 47 3.68 -2.88 17.77
CA VAL B 47 3.07 -2.14 16.65
C VAL B 47 2.24 -1.00 17.21
N GLU B 48 1.41 -1.27 18.20
CA GLU B 48 0.60 -0.23 18.80
C GLU B 48 1.47 0.89 19.34
N GLN B 49 2.53 0.54 20.06
CA GLN B 49 3.40 1.57 20.59
C GLN B 49 4.02 2.41 19.48
N TYR B 50 4.53 1.74 18.43
CA TYR B 50 5.10 2.47 17.31
C TYR B 50 4.09 3.46 16.75
N MET B 51 2.89 2.99 16.45
CA MET B 51 1.91 3.84 15.78
C MET B 51 1.46 5.01 16.63
N HIS B 52 1.55 4.88 17.97
CA HIS B 52 1.16 5.95 18.86
C HIS B 52 2.33 6.84 19.28
N THR B 53 3.54 6.59 18.78
CA THR B 53 4.70 7.37 19.17
C THR B 53 4.69 8.72 18.48
N ARG B 54 4.76 9.78 19.27
N ARG B 54 4.76 9.77 19.28
CA ARG B 54 4.76 11.12 18.70
CA ARG B 54 4.68 11.14 18.80
C ARG B 54 5.53 12.05 19.63
C ARG B 54 5.63 12.01 19.60
N GLY B 55 5.79 13.25 19.14
CA GLY B 55 6.52 14.23 19.91
C GLY B 55 7.93 13.78 20.22
N GLU B 56 8.43 14.18 21.40
CA GLU B 56 9.79 13.85 21.77
C GLU B 56 10.04 12.36 21.88
N ALA B 57 9.00 11.55 22.12
CA ALA B 57 9.16 10.11 22.17
C ALA B 57 9.67 9.55 20.85
N ARG B 58 9.48 10.25 19.74
CA ARG B 58 10.02 9.79 18.48
C ARG B 58 11.53 9.61 18.53
N LEU B 59 12.21 10.31 19.44
CA LEU B 59 13.65 10.20 19.51
C LEU B 59 14.10 8.84 20.04
N LYS B 60 13.19 8.04 20.60
CA LYS B 60 13.50 6.72 21.11
C LYS B 60 12.77 5.61 20.36
N ARG B 61 12.09 5.93 19.27
CA ARG B 61 11.34 4.91 18.54
C ARG B 61 12.27 3.85 17.97
N HIS B 62 13.52 4.21 17.67
CA HIS B 62 14.46 3.25 17.13
C HIS B 62 14.75 2.10 18.11
N LEU B 63 14.46 2.30 19.40
CA LEU B 63 14.67 1.23 20.36
C LEU B 63 13.65 0.10 20.21
N LEU B 64 12.63 0.28 19.36
CA LEU B 64 11.71 -0.79 19.03
C LEU B 64 12.23 -1.73 17.95
N PHE B 65 13.44 -1.49 17.43
CA PHE B 65 14.04 -2.26 16.36
C PHE B 65 15.19 -3.13 16.86
N THR B 66 15.46 -4.20 16.11
CA THR B 66 16.68 -4.96 16.28
C THR B 66 17.89 -4.10 15.90
N GLU B 67 19.08 -4.50 16.35
CA GLU B 67 20.27 -3.70 16.07
C GLU B 67 20.45 -3.45 14.58
N ASP B 68 20.16 -4.47 13.75
CA ASP B 68 20.27 -4.39 12.31
C ASP B 68 18.94 -4.12 11.64
N GLY B 69 17.95 -3.64 12.39
CA GLY B 69 16.64 -3.39 11.80
C GLY B 69 16.67 -2.31 10.76
N VAL B 70 15.70 -2.38 9.86
CA VAL B 70 15.58 -1.47 8.75
C VAL B 70 14.20 -0.81 8.81
N GLY B 71 14.15 0.48 8.48
CA GLY B 71 12.89 1.18 8.33
C GLY B 71 12.94 2.05 7.08
N GLY B 72 11.83 2.65 6.73
CA GLY B 72 11.87 3.67 5.71
C GLY B 72 10.65 3.68 4.80
N LEU B 73 10.81 4.44 3.72
CA LEU B 73 9.72 4.81 2.81
C LEU B 73 9.88 4.05 1.50
N TRP B 74 8.89 3.22 1.17
CA TRP B 74 9.01 2.33 0.03
C TRP B 74 8.46 2.92 -1.23
N THR B 75 7.78 4.06 -1.15
CA THR B 75 7.11 4.69 -2.27
C THR B 75 7.63 6.12 -2.42
N THR B 76 8.47 6.34 -3.43
CA THR B 76 9.12 7.62 -3.62
C THR B 76 9.12 7.97 -5.10
N ASP B 77 9.54 9.19 -5.40
CA ASP B 77 9.57 9.64 -6.78
C ASP B 77 10.51 8.82 -7.66
N SER B 78 11.57 8.23 -7.11
CA SER B 78 12.52 7.52 -7.94
C SER B 78 12.07 6.11 -8.28
N GLY B 79 11.06 5.61 -7.56
CA GLY B 79 10.66 4.22 -7.65
C GLY B 79 11.49 3.26 -6.83
N GLN B 80 12.51 3.74 -6.13
CA GLN B 80 13.27 2.89 -5.21
C GLN B 80 12.99 3.28 -3.77
N PRO B 81 13.00 2.33 -2.83
CA PRO B 81 12.79 2.68 -1.43
C PRO B 81 13.92 3.55 -0.91
N ILE B 82 13.61 4.38 0.09
CA ILE B 82 14.62 5.07 0.89
C ILE B 82 14.65 4.34 2.23
N ALA B 83 15.60 3.44 2.36
CA ALA B 83 15.74 2.57 3.51
C ALA B 83 16.75 3.15 4.48
N ILE B 84 16.44 3.05 5.75
N ILE B 84 16.42 3.09 5.75
CA ILE B 84 17.27 3.54 6.83
CA ILE B 84 17.28 3.54 6.84
C ILE B 84 17.76 2.28 7.56
C ILE B 84 17.75 2.28 7.54
N ARG B 85 19.06 2.01 7.49
CA ARG B 85 19.58 0.69 7.85
C ARG B 85 20.32 0.70 9.17
N GLY B 86 19.75 0.03 10.14
CA GLY B 86 20.39 -0.14 11.41
C GLY B 86 19.77 0.73 12.47
N ARG B 87 19.72 0.21 13.68
N ARG B 87 19.72 0.20 13.68
CA ARG B 87 19.09 0.93 14.77
CA ARG B 87 19.10 0.94 14.78
C ARG B 87 19.76 2.29 15.00
C ARG B 87 19.76 2.30 14.96
N GLU B 88 21.09 2.36 14.84
CA GLU B 88 21.79 3.64 15.03
C GLU B 88 21.36 4.68 14.00
N LYS B 89 21.31 4.29 12.72
CA LYS B 89 20.86 5.21 11.69
C LYS B 89 19.40 5.58 11.83
N LEU B 90 18.57 4.65 12.33
CA LEU B 90 17.18 4.98 12.63
C LEU B 90 17.09 6.06 13.70
N GLY B 91 17.92 5.97 14.74
CA GLY B 91 17.93 7.00 15.75
C GLY B 91 18.36 8.35 15.19
N GLU B 92 19.33 8.35 14.27
CA GLU B 92 19.73 9.62 13.65
C GLU B 92 18.63 10.18 12.76
N HIS B 93 17.92 9.30 12.04
CA HIS B 93 16.80 9.77 11.22
C HIS B 93 15.71 10.42 12.06
N ALA B 94 15.49 9.93 13.29
CA ALA B 94 14.46 10.51 14.15
C ALA B 94 14.74 11.99 14.41
N VAL B 95 16.00 12.33 14.59
CA VAL B 95 16.37 13.73 14.83
C VAL B 95 15.94 14.58 13.65
N TRP B 96 16.25 14.13 12.44
CA TRP B 96 15.84 14.83 11.22
C TRP B 96 14.32 14.91 11.14
N SER B 97 13.65 13.78 11.41
CA SER B 97 12.19 13.68 11.32
C SER B 97 11.54 14.72 12.22
N LEU B 98 12.06 14.92 13.43
CA LEU B 98 11.46 15.89 14.34
C LEU B 98 11.64 17.33 13.86
N GLN B 99 12.63 17.60 13.02
CA GLN B 99 12.77 18.93 12.44
C GLN B 99 11.86 19.15 11.25
N CYS B 100 11.79 18.17 10.35
CA CYS B 100 11.09 18.37 9.08
C CYS B 100 9.64 17.91 9.12
N PHE B 101 9.27 17.06 10.07
CA PHE B 101 7.88 16.72 10.33
C PHE B 101 7.63 16.96 11.83
N PRO B 102 7.59 18.23 12.24
CA PRO B 102 7.72 18.51 13.68
C PRO B 102 6.55 18.09 14.54
N ASP B 103 5.39 17.86 13.96
CA ASP B 103 4.18 17.54 14.73
C ASP B 103 3.42 16.36 14.16
N TRP B 104 4.12 15.43 13.53
CA TRP B 104 3.50 14.31 12.83
C TRP B 104 2.69 13.41 13.77
N VAL B 105 1.48 13.06 13.33
CA VAL B 105 0.61 12.12 14.01
C VAL B 105 0.10 11.09 13.01
N TRP B 106 0.04 9.84 13.44
CA TRP B 106 -0.70 8.80 12.74
C TRP B 106 -2.12 8.71 13.31
N THR B 107 -3.13 8.71 12.44
CA THR B 107 -4.53 8.69 12.84
C THR B 107 -5.24 7.53 12.14
N ASP B 108 -6.47 7.24 12.56
CA ASP B 108 -7.30 6.22 11.90
C ASP B 108 -6.56 4.89 11.83
N ILE B 109 -5.94 4.49 12.93
CA ILE B 109 -5.05 3.33 12.92
C ILE B 109 -5.87 2.05 12.97
N GLN B 110 -5.60 1.15 12.03
N GLN B 110 -5.66 1.15 12.01
CA GLN B 110 -6.21 -0.19 11.97
CA GLN B 110 -6.23 -0.18 12.06
C GLN B 110 -5.06 -1.18 11.88
C GLN B 110 -5.11 -1.20 11.89
N ILE B 111 -4.88 -2.00 12.93
CA ILE B 111 -3.82 -2.98 12.95
C ILE B 111 -4.36 -4.33 12.49
N PHE B 112 -3.62 -4.96 11.58
CA PHE B 112 -3.94 -6.31 11.08
C PHE B 112 -2.87 -7.30 11.49
N GLU B 113 -3.26 -8.25 12.36
CA GLU B 113 -2.47 -9.44 12.56
C GLU B 113 -2.59 -10.30 11.32
N THR B 114 -1.64 -11.22 11.14
CA THR B 114 -1.70 -12.15 10.02
C THR B 114 -1.44 -13.58 10.50
N GLN B 115 -1.45 -14.52 9.55
CA GLN B 115 -1.14 -15.89 9.90
C GLN B 115 0.31 -16.06 10.36
N ASP B 116 1.19 -15.11 10.01
CA ASP B 116 2.57 -15.09 10.48
C ASP B 116 2.59 -14.27 11.76
N PRO B 117 2.89 -14.86 12.92
CA PRO B 117 2.85 -14.08 14.15
C PRO B 117 3.87 -12.96 14.18
N ASN B 118 4.86 -13.01 13.29
CA ASN B 118 5.89 -11.99 13.17
C ASN B 118 5.67 -11.00 12.04
N TRP B 119 4.48 -10.95 11.44
CA TRP B 119 4.20 -10.01 10.36
C TRP B 119 2.85 -9.35 10.60
N PHE B 120 2.85 -8.01 10.65
CA PHE B 120 1.66 -7.20 10.81
C PHE B 120 1.57 -6.19 9.68
N TRP B 121 0.35 -5.77 9.36
CA TRP B 121 0.10 -4.64 8.47
C TRP B 121 -0.75 -3.63 9.22
N VAL B 122 -0.57 -2.35 8.88
CA VAL B 122 -1.37 -1.28 9.49
C VAL B 122 -1.88 -0.40 8.36
N GLU B 123 -3.17 -0.12 8.37
CA GLU B 123 -3.75 0.91 7.51
C GLU B 123 -4.03 2.14 8.38
N CYS B 124 -3.60 3.32 7.92
CA CYS B 124 -3.82 4.52 8.72
C CYS B 124 -3.74 5.74 7.82
N ARG B 125 -3.92 6.90 8.44
CA ARG B 125 -3.59 8.18 7.83
C ARG B 125 -2.49 8.84 8.66
N GLY B 126 -1.85 9.83 8.07
CA GLY B 126 -0.88 10.63 8.79
C GLY B 126 -1.06 12.09 8.42
N GLU B 127 -0.65 12.96 9.34
CA GLU B 127 -0.79 14.38 9.10
C GLU B 127 0.20 15.17 9.94
N GLY B 128 0.62 16.29 9.37
CA GLY B 128 1.44 17.24 10.10
C GLY B 128 2.04 18.27 9.16
N ALA B 129 2.65 19.28 9.75
CA ALA B 129 3.43 20.22 8.96
C ALA B 129 4.57 19.50 8.27
N ILE B 130 4.93 19.97 7.08
CA ILE B 130 6.11 19.49 6.36
C ILE B 130 7.03 20.70 6.17
N VAL B 131 8.25 20.59 6.67
CA VAL B 131 9.21 21.68 6.69
C VAL B 131 10.48 21.15 6.03
N PHE B 132 10.44 20.97 4.73
CA PHE B 132 11.57 20.42 4.00
C PHE B 132 12.55 21.52 3.59
N PRO B 133 13.83 21.19 3.52
CA PRO B 133 14.83 22.21 3.19
C PRO B 133 14.59 22.81 1.81
N GLY B 134 14.48 24.13 1.76
CA GLY B 134 14.33 24.81 0.50
C GLY B 134 12.95 24.77 -0.10
N TYR B 135 11.95 24.31 0.62
CA TYR B 135 10.57 24.37 0.14
C TYR B 135 9.75 25.22 1.09
N PRO B 136 8.64 25.79 0.64
CA PRO B 136 7.76 26.50 1.58
C PRO B 136 7.21 25.53 2.59
N ARG B 137 7.02 26.01 3.82
N ARG B 137 6.98 26.01 3.82
CA ARG B 137 6.31 25.22 4.83
CA ARG B 137 6.32 25.22 4.84
C ARG B 137 4.93 24.84 4.29
C ARG B 137 4.91 24.87 4.39
N GLY B 138 4.55 23.59 4.52
CA GLY B 138 3.27 23.11 4.06
C GLY B 138 2.57 22.28 5.11
N GLN B 139 1.36 21.87 4.77
N GLN B 139 1.37 21.85 4.76
CA GLN B 139 0.61 20.91 5.57
CA GLN B 139 0.59 20.91 5.54
C GLN B 139 0.48 19.64 4.73
C GLN B 139 0.45 19.63 4.74
N TYR B 140 0.92 18.52 5.29
CA TYR B 140 0.95 17.26 4.58
C TYR B 140 -0.05 16.31 5.23
N ARG B 141 -0.92 15.72 4.39
CA ARG B 141 -1.85 14.68 4.79
C ARG B 141 -1.71 13.53 3.81
N ASN B 142 -1.74 12.30 4.29
CA ASN B 142 -1.71 11.17 3.36
C ASN B 142 -2.33 9.96 4.00
N HIS B 143 -2.63 8.98 3.15
CA HIS B 143 -3.04 7.64 3.52
C HIS B 143 -1.82 6.72 3.45
N PHE B 144 -1.66 5.87 4.46
CA PHE B 144 -0.49 5.01 4.55
C PHE B 144 -0.86 3.55 4.81
N LEU B 145 -0.02 2.67 4.28
CA LEU B 145 0.03 1.28 4.73
C LEU B 145 1.43 1.06 5.28
N HIS B 146 1.52 0.37 6.42
CA HIS B 146 2.78 0.00 7.02
C HIS B 146 2.88 -1.52 7.13
N SER B 147 4.07 -2.04 6.86
CA SER B 147 4.43 -3.43 7.08
C SER B 147 5.42 -3.49 8.23
N PHE B 148 5.17 -4.38 9.20
CA PHE B 148 6.07 -4.65 10.32
C PHE B 148 6.42 -6.13 10.37
N ARG B 149 7.70 -6.44 10.24
CA ARG B 149 8.19 -7.80 10.43
C ARG B 149 9.10 -7.82 11.65
N PHE B 150 8.92 -8.84 12.50
CA PHE B 150 9.56 -8.96 13.81
C PHE B 150 10.57 -10.10 13.85
N GLU B 151 11.55 -9.94 14.74
CA GLU B 151 12.50 -10.99 15.09
C GLU B 151 12.82 -10.84 16.57
N ASN B 152 12.58 -11.89 17.36
CA ASN B 152 12.92 -11.94 18.77
C ASN B 152 12.43 -10.70 19.53
N GLY B 153 11.18 -10.34 19.29
CA GLY B 153 10.50 -9.35 20.10
C GLY B 153 10.63 -7.91 19.63
N LEU B 154 11.37 -7.65 18.56
CA LEU B 154 11.57 -6.28 18.08
C LEU B 154 11.39 -6.25 16.56
N ILE B 155 11.29 -5.03 16.04
CA ILE B 155 11.03 -4.83 14.62
C ILE B 155 12.33 -5.05 13.84
N LYS B 156 12.31 -6.01 12.92
CA LYS B 156 13.40 -6.26 11.99
C LYS B 156 13.26 -5.43 10.71
N GLU B 157 12.02 -5.23 10.24
CA GLU B 157 11.80 -4.45 9.02
C GLU B 157 10.47 -3.72 9.14
N GLN B 158 10.52 -2.39 9.02
CA GLN B 158 9.35 -1.53 8.90
C GLN B 158 9.40 -0.88 7.52
N ARG B 159 8.27 -0.91 6.82
CA ARG B 159 8.16 -0.25 5.52
C ARG B 159 6.86 0.55 5.48
N GLU B 160 6.91 1.76 4.94
CA GLU B 160 5.70 2.52 4.74
C GLU B 160 5.45 2.80 3.26
N PHE B 161 4.18 2.73 2.88
CA PHE B 161 3.71 2.86 1.51
C PHE B 161 2.63 3.93 1.47
N MET B 162 2.80 4.92 0.60
CA MET B 162 1.82 5.98 0.44
C MET B 162 1.76 6.39 -1.04
N ASN B 163 0.95 7.40 -1.34
CA ASN B 163 0.90 8.00 -2.66
C ASN B 163 1.79 9.23 -2.68
N PRO B 164 2.96 9.19 -3.34
CA PRO B 164 3.85 10.34 -3.29
C PRO B 164 3.23 11.62 -3.87
N CYS B 165 2.20 11.52 -4.71
CA CYS B 165 1.59 12.73 -5.27
C CYS B 165 1.08 13.67 -4.17
N GLU B 166 0.63 13.12 -3.04
CA GLU B 166 0.17 13.98 -1.95
C GLU B 166 1.32 14.66 -1.24
N GLN B 167 2.50 14.04 -1.19
CA GLN B 167 3.66 14.72 -0.63
C GLN B 167 4.13 15.80 -1.59
N PHE B 168 4.08 15.55 -2.90
CA PHE B 168 4.38 16.60 -3.87
C PHE B 168 3.49 17.81 -3.63
N ARG B 169 2.17 17.59 -3.52
CA ARG B 169 1.25 18.69 -3.32
C ARG B 169 1.57 19.49 -2.07
N SER B 170 1.95 18.79 -0.98
CA SER B 170 2.27 19.47 0.27
C SER B 170 3.48 20.38 0.13
N LEU B 171 4.38 20.06 -0.81
CA LEU B 171 5.60 20.81 -1.07
C LEU B 171 5.45 21.85 -2.17
N GLY B 172 4.26 21.97 -2.77
CA GLY B 172 4.04 22.90 -3.86
C GLY B 172 4.58 22.44 -5.20
N ILE B 173 4.91 21.16 -5.32
CA ILE B 173 5.43 20.60 -6.55
C ILE B 173 4.25 20.20 -7.43
N GLU B 174 4.29 20.58 -8.70
CA GLU B 174 3.21 20.26 -9.62
C GLU B 174 3.14 18.76 -9.88
N VAL B 175 1.95 18.21 -9.83
CA VAL B 175 1.72 16.78 -10.04
C VAL B 175 1.23 16.60 -11.48
N PRO B 176 1.85 15.76 -12.29
CA PRO B 176 1.32 15.53 -13.63
C PRO B 176 -0.03 14.83 -13.56
N GLU B 177 -0.79 15.00 -14.62
CA GLU B 177 -2.12 14.43 -14.71
C GLU B 177 -2.13 13.50 -15.90
N VAL B 178 -2.50 12.25 -15.68
CA VAL B 178 -2.76 11.34 -16.78
C VAL B 178 -4.00 11.85 -17.52
N ARG B 179 -3.91 11.97 -18.85
CA ARG B 179 -5.05 12.43 -19.61
C ARG B 179 -6.13 11.36 -19.64
N ARG B 180 -7.34 11.73 -19.26
CA ARG B 180 -8.42 10.75 -19.13
C ARG B 180 -9.43 10.79 -20.27
N ASP B 181 -9.21 11.60 -21.30
CA ASP B 181 -10.26 11.76 -22.31
C ASP B 181 -10.64 10.43 -22.95
N GLY B 182 -9.64 9.60 -23.20
CA GLY B 182 -9.89 8.35 -23.89
C GLY B 182 -10.32 7.24 -23.00
N LEU B 183 -10.44 7.48 -21.69
CA LEU B 183 -10.74 6.42 -20.76
C LEU B 183 -12.23 6.39 -20.43
N PRO B 184 -12.82 5.23 -20.23
CA PRO B 184 -14.25 5.19 -19.90
C PRO B 184 -14.55 5.94 -18.62
N SER B 185 -15.64 6.69 -18.65
CA SER B 185 -16.04 7.53 -17.54
C SER B 185 -17.37 7.06 -16.99
C1 GOL C . -3.26 -2.35 -12.61
C1 GOL C . -4.12 -3.96 -14.25
O1 GOL C . -3.61 -1.20 -11.80
O1 GOL C . -4.69 -5.12 -13.66
C2 GOL C . -4.56 -3.00 -13.14
C2 GOL C . -4.37 -2.83 -13.24
O2 GOL C . -5.43 -2.10 -13.70
O2 GOL C . -5.11 -3.32 -12.14
C3 GOL C . -4.16 -4.03 -14.18
C3 GOL C . -2.98 -2.32 -12.82
O3 GOL C . -5.26 -4.88 -14.29
O3 GOL C . -3.20 -1.34 -11.82
H11 GOL C . -2.77 -3.01 -12.12
H11 GOL C . -4.52 -3.74 -15.11
H12 GOL C . -2.71 -2.11 -13.37
H12 GOL C . -3.17 -4.04 -14.43
HO1 GOL C . -4.26 -1.43 -11.30
HO1 GOL C . -4.23 -5.27 -12.96
H2 GOL C . -5.00 -3.39 -12.38
H2 GOL C . -4.88 -2.11 -13.64
HO2 GOL C . -6.14 -2.52 -13.88
HO2 GOL C . -4.87 -2.88 -11.46
H31 GOL C . -3.34 -4.48 -13.90
H31 GOL C . -2.52 -1.97 -13.60
H32 GOL C . -3.92 -3.59 -15.01
H32 GOL C . -2.45 -3.06 -12.51
HO3 GOL C . -5.27 -5.37 -13.58
HO3 GOL C . -2.58 -0.76 -11.90
C10 A1IAJ D . -8.94 2.28 -12.07
C13 A1IAJ D . -6.67 1.20 -13.26
C17 A1IAJ D . -8.47 5.10 -15.38
C20 A1IAJ D . -10.77 4.26 -16.54
C22 A1IAJ D . -10.77 5.46 -15.85
C26 A1IAJ D . -4.68 8.19 -13.34
C02 A1IAJ D . -3.52 7.87 -12.66
C03 A1IAJ D . -3.13 6.53 -12.52
C04 A1IAJ D . -3.95 5.50 -12.98
C05 A1IAJ D . -5.15 5.83 -13.64
C06 A1IAJ D . -6.15 4.88 -14.15
C07 A1IAJ D . -5.91 3.42 -14.05
C08 A1IAJ D . -6.92 2.56 -13.34
C09 A1IAJ D . -8.05 3.10 -12.74
C11 A1IAJ D . -8.68 0.94 -12.03
C12 A1IAJ D . -7.56 0.37 -12.60
C16 A1IAJ D . -7.23 5.63 -14.70
C18 A1IAJ D . -8.48 3.89 -16.05
C19 A1IAJ D . -9.65 3.45 -16.66
C23 A1IAJ D . -9.61 5.87 -15.22
C25 A1IAJ D . -5.52 7.18 -13.78
O01 A1IAJ D . -2.66 8.83 -12.17
O14 A1IAJ D . -5.54 0.64 -13.84
O15 A1IAJ D . -4.87 2.95 -14.47
O21 A1IAJ D . -11.95 3.87 -17.19
S24 A1IAJ D . -6.96 7.31 -14.64
H101 A1IAJ D . -9.82 2.69 -11.59
H221 A1IAJ D . -11.66 6.07 -15.81
H261 A1IAJ D . -4.94 9.23 -13.51
H031 A1IAJ D . -2.19 6.29 -12.04
H041 A1IAJ D . -3.66 4.46 -12.84
H091 A1IAJ D . -8.23 4.17 -12.79
H111 A1IAJ D . -9.38 0.29 -11.52
H121 A1IAJ D . -7.39 -0.70 -12.53
H181 A1IAJ D . -7.58 3.29 -16.10
H191 A1IAJ D . -9.69 2.51 -17.21
H231 A1IAJ D . -9.59 6.76 -14.61
H011 A1IAJ D . -1.89 8.88 -12.71
H141 A1IAJ D . -5.07 0.14 -13.20
H211 A1IAJ D . -12.41 4.63 -17.50
C1 GOL E . -5.07 -14.94 11.01
C1 GOL E . -5.15 -14.92 11.44
O1 GOL E . -5.19 -16.26 10.59
O1 GOL E . -4.47 -16.08 11.10
C2 GOL E . -5.11 -14.96 12.56
C2 GOL E . -5.26 -14.89 12.97
O2 GOL E . -4.18 -15.83 13.10
O2 GOL E . -4.35 -15.74 13.58
C3 GOL E . -4.84 -13.49 12.97
C3 GOL E . -5.02 -13.41 13.35
O3 GOL E . -5.16 -13.38 14.33
O3 GOL E . -5.27 -13.28 14.72
H11 GOL E . -5.78 -14.37 10.68
H11 GOL E . -6.03 -14.88 11.05
H12 GOL E . -4.24 -14.53 10.72
H12 GOL E . -4.69 -14.12 11.13
HO1 GOL E . -4.51 -16.43 10.11
HO1 GOL E . -4.98 -16.51 10.57
H2 GOL E . -5.97 -15.25 12.87
H2 GOL E . -6.14 -15.18 13.26
HO2 GOL E . -4.03 -16.44 12.52
HO2 GOL E . -4.00 -16.21 12.96
H31 GOL E . -5.36 -12.90 12.41
H31 GOL E . -5.59 -12.85 12.81
H32 GOL E . -3.91 -13.28 12.79
H32 GOL E . -4.11 -13.17 13.11
HO3 GOL E . -4.86 -12.64 14.60
HO3 GOL E . -4.59 -12.90 15.06
C1 GOL F . 6.04 10.50 6.84
C1 GOL F . 5.68 10.05 6.62
O1 GOL F . 6.39 9.72 5.73
O1 GOL F . 6.42 9.27 5.73
C2 GOL F . 7.01 10.12 7.95
C2 GOL F . 6.25 9.83 8.05
O2 GOL F . 8.31 10.33 7.58
O2 GOL F . 7.24 8.85 8.14
C3 GOL F . 6.59 10.91 9.19
C3 GOL F . 6.77 11.23 8.47
O3 GOL F . 7.06 10.19 10.29
O3 GOL F . 7.40 11.13 9.71
H11 GOL F . 5.13 10.34 7.13
H11 GOL F . 4.74 9.83 6.61
H12 GOL F . 6.10 11.45 6.66
H12 GOL F . 5.73 11.00 6.40
HO1 GOL F . 6.27 8.91 5.95
HO1 GOL F . 6.80 8.68 6.21
H2 GOL F . 6.94 9.17 8.14
H2 GOL F . 5.55 9.51 8.64
HO2 GOL F . 8.78 10.41 8.29
HO2 GOL F . 6.87 8.10 8.25
H31 GOL F . 5.63 11.03 9.19
H31 GOL F . 6.02 11.85 8.48
H32 GOL F . 6.96 11.81 9.15
H32 GOL F . 7.36 11.55 7.78
HO3 GOL F . 6.49 9.57 10.43
HO3 GOL F . 7.59 10.30 9.82
C10 A1IAJ G . 12.59 8.20 4.19
C13 A1IAJ G . 10.49 9.90 4.80
C17 A1IAJ G . 14.16 11.85 2.39
C20 A1IAJ G . 16.22 11.95 4.14
C22 A1IAJ G . 16.47 11.49 2.86
C26 A1IAJ G . 11.40 11.87 -2.13
C02 A1IAJ G . 10.06 11.64 -2.34
C03 A1IAJ G . 9.15 11.38 -1.31
C04 A1IAJ G . 9.63 11.34 0.00
C05 A1IAJ G . 11.00 11.58 0.22
C06 A1IAJ G . 11.70 11.55 1.53
C07 A1IAJ G . 10.90 11.28 2.78
C08 A1IAJ G . 11.27 10.12 3.70
C09 A1IAJ G . 12.29 9.27 3.35
C11 A1IAJ G . 11.81 8.00 5.32
C12 A1IAJ G . 10.77 8.82 5.67
C16 A1IAJ G . 13.09 11.78 1.34
C18 A1IAJ G . 13.91 12.31 3.65
C19 A1IAJ G . 14.97 12.37 4.56
C23 A1IAJ G . 15.41 11.42 1.97
C25 A1IAJ G . 11.88 11.83 -0.83
O01 A1IAJ G . 9.54 11.64 -3.63
O14 A1IAJ G . 9.45 10.77 5.11
O15 A1IAJ G . 9.92 11.96 3.04
O21 A1IAJ G . 17.31 12.05 5.02
S24 A1IAJ G . 13.44 12.10 -0.29
H101 A1IAJ G . 13.42 7.54 3.97
H221 A1IAJ G . 17.46 11.19 2.57
H261 A1IAJ G . 12.07 12.08 -2.95
H031 A1IAJ G . 8.10 11.23 -1.52
H041 A1IAJ G . 8.96 11.12 0.82
H091 A1IAJ G . 12.85 9.43 2.44
H111 A1IAJ G . 12.04 7.15 5.96
H121 A1IAJ G . 10.19 8.65 6.57
H181 A1IAJ G . 12.91 12.62 3.94
H191 A1IAJ G . 14.82 12.74 5.58
H231 A1IAJ G . 15.56 11.03 0.97
H011 A1IAJ G . 8.60 11.75 -3.59
H141 A1IAJ G . 8.86 10.36 5.71
H211 A1IAJ G . 18.11 12.01 4.53
#